data_2WFD
#
_entry.id   2WFD
#
_cell.length_a   94.540
_cell.length_b   94.540
_cell.length_c   148.820
_cell.angle_alpha   90.00
_cell.angle_beta   90.00
_cell.angle_gamma   120.00
#
_symmetry.space_group_name_H-M   'P 65'
#
_entity_poly.entity_id   1
_entity_poly.type   'polypeptide(L)'
_entity_poly.pdbx_seq_one_letter_code
;A(MSE)GPQEYTLLKLKVLEPYPSKLSGLKGKNIFLVAATLRPET(MSE)FGQTNCWVRPD(MSE)KYIGFETVNGDIFI
CTQKAARN(MSE)SYQGFTKDNGVVPVVKEL(MSE)GEEILGASLSAPLTSYKVIYVLP(MSE)LTIKEDKGTGVVTSVP
SDSPDDIAALRDLKKKQALRAKYGIRDD(MSE)VLPFEPVPVIEIPGFGNLSAVTICDELKIQSQNDREKLAEAKEKIYL
KGFYEGI(MSE)LVDGFKGQKVQDVKKTIQKK(MSE)IDAGDALIY(MSE)E
;
_entity_poly.pdbx_strand_id   A,B
#
# COMPACT_ATOMS: atom_id res chain seq x y z
N ALA A 1 1.42 8.62 7.22
CA ALA A 1 1.28 7.38 6.37
C ALA A 1 2.27 7.34 5.18
N GLY A 3 4.28 7.71 1.33
CA GLY A 3 4.28 6.91 0.11
C GLY A 3 5.58 7.08 -0.66
N PRO A 4 5.84 6.23 -1.66
CA PRO A 4 4.95 5.31 -2.32
C PRO A 4 5.04 3.89 -1.77
N GLN A 5 4.14 3.02 -2.23
CA GLN A 5 4.17 1.59 -1.86
C GLN A 5 4.88 0.72 -2.91
N GLU A 6 5.50 -0.35 -2.42
CA GLU A 6 6.15 -1.36 -3.26
C GLU A 6 5.15 -2.38 -3.80
N TYR A 7 5.03 -2.44 -5.13
CA TYR A 7 4.23 -3.46 -5.81
C TYR A 7 5.09 -4.34 -6.69
N THR A 8 4.59 -5.53 -7.00
CA THR A 8 5.23 -6.41 -7.96
C THR A 8 4.50 -6.23 -9.26
N LEU A 9 5.24 -5.87 -10.30
CA LEU A 9 4.68 -5.68 -11.63
C LEU A 9 4.99 -6.88 -12.51
N LEU A 10 3.99 -7.71 -12.79
CA LEU A 10 4.22 -8.89 -13.61
C LEU A 10 4.30 -8.49 -15.08
N LYS A 11 5.07 -9.25 -15.87
CA LYS A 11 5.12 -9.05 -17.31
C LYS A 11 4.40 -10.17 -18.05
N LEU A 12 3.25 -9.84 -18.60
CA LEU A 12 2.44 -10.79 -19.36
C LEU A 12 2.73 -10.61 -20.86
N LYS A 13 3.34 -11.63 -21.47
CA LYS A 13 3.85 -11.49 -22.83
C LYS A 13 2.77 -11.73 -23.85
N VAL A 14 2.55 -10.75 -24.72
CA VAL A 14 1.57 -10.87 -25.77
C VAL A 14 2.15 -11.86 -26.76
N LEU A 15 1.38 -12.92 -27.02
CA LEU A 15 1.82 -14.02 -27.85
C LEU A 15 1.22 -13.89 -29.22
N GLU A 16 1.98 -14.33 -30.22
CA GLU A 16 1.50 -14.45 -31.58
C GLU A 16 0.42 -15.53 -31.53
N PRO A 17 -0.74 -15.31 -32.17
CA PRO A 17 -1.10 -14.26 -33.12
C PRO A 17 -1.49 -12.95 -32.44
N TYR A 18 -0.78 -11.87 -32.76
CA TYR A 18 -1.11 -10.58 -32.16
C TYR A 18 -2.48 -10.11 -32.61
N PRO A 19 -3.14 -9.29 -31.79
CA PRO A 19 -4.30 -8.58 -32.29
C PRO A 19 -3.92 -7.48 -33.30
N SER A 20 -4.90 -7.04 -34.07
CA SER A 20 -4.64 -6.26 -35.27
C SER A 20 -4.09 -4.86 -35.02
N LYS A 21 -4.38 -4.25 -33.87
CA LYS A 21 -3.84 -2.90 -33.61
C LYS A 21 -2.34 -2.93 -33.31
N LEU A 22 -1.86 -4.11 -32.92
CA LEU A 22 -0.44 -4.29 -32.62
C LEU A 22 0.33 -4.91 -33.78
N SER A 23 -0.28 -4.93 -34.97
CA SER A 23 0.36 -5.55 -36.13
C SER A 23 1.68 -4.89 -36.50
N GLY A 24 1.76 -3.57 -36.35
CA GLY A 24 2.97 -2.81 -36.71
C GLY A 24 4.15 -3.06 -35.79
N LEU A 25 3.86 -3.60 -34.61
CA LEU A 25 4.88 -3.92 -33.63
C LEU A 25 5.31 -5.38 -33.70
N LYS A 26 4.78 -6.13 -34.68
CA LYS A 26 5.22 -7.51 -34.87
C LYS A 26 6.75 -7.57 -34.92
N GLY A 27 7.30 -8.65 -34.37
CA GLY A 27 8.74 -8.81 -34.26
C GLY A 27 9.32 -8.29 -32.95
N LYS A 28 8.69 -7.28 -32.37
CA LYS A 28 9.14 -6.71 -31.09
C LYS A 28 8.44 -7.41 -29.91
N ASN A 29 9.10 -7.38 -28.74
CA ASN A 29 8.59 -8.01 -27.52
C ASN A 29 7.58 -7.10 -26.83
N ILE A 30 6.35 -7.57 -26.69
CA ILE A 30 5.31 -6.76 -26.09
C ILE A 30 4.80 -7.42 -24.82
N PHE A 31 4.61 -6.64 -23.77
CA PHE A 31 4.06 -7.15 -22.54
C PHE A 31 2.93 -6.27 -22.06
N LEU A 32 1.78 -6.88 -21.72
CA LEU A 32 0.83 -6.22 -20.86
C LEU A 32 1.45 -6.27 -19.49
N VAL A 33 1.08 -5.34 -18.63
CA VAL A 33 1.81 -5.14 -17.39
C VAL A 33 0.82 -4.81 -16.23
N ALA A 34 0.87 -5.64 -15.19
CA ALA A 34 -0.08 -5.51 -14.06
C ALA A 34 0.62 -5.65 -12.70
N ALA A 35 0.10 -4.92 -11.72
CA ALA A 35 0.70 -4.81 -10.39
C ALA A 35 -0.04 -5.69 -9.38
N THR A 36 0.67 -6.16 -8.35
CA THR A 36 0.01 -6.89 -7.26
C THR A 36 0.77 -6.83 -5.96
N LEU A 37 0.05 -7.06 -4.87
CA LEU A 37 0.66 -7.12 -3.56
C LEU A 37 0.82 -8.55 -3.08
N ARG A 38 0.38 -9.51 -3.90
CA ARG A 38 0.33 -10.90 -3.51
C ARG A 38 0.86 -11.81 -4.59
N PRO A 39 2.17 -11.73 -4.85
CA PRO A 39 2.79 -12.52 -5.90
C PRO A 39 2.83 -14.02 -5.61
N GLU A 40 2.64 -14.42 -4.35
CA GLU A 40 2.58 -15.83 -4.03
C GLU A 40 1.38 -16.50 -4.69
N THR A 41 0.30 -15.73 -4.88
CA THR A 41 -0.93 -16.28 -5.48
C THR A 41 -0.85 -16.41 -6.99
N PHE A 43 0.59 -18.12 -9.01
CA PHE A 43 0.66 -19.45 -9.60
C PHE A 43 -0.67 -19.89 -10.17
N GLY A 44 -1.76 -19.24 -9.76
CA GLY A 44 -3.12 -19.66 -10.15
C GLY A 44 -3.87 -18.65 -10.99
N GLN A 45 -3.15 -17.98 -11.89
CA GLN A 45 -3.72 -17.00 -12.81
C GLN A 45 -4.57 -17.69 -13.87
N THR A 46 -5.71 -17.09 -14.17
CA THR A 46 -6.61 -17.62 -15.18
C THR A 46 -6.76 -16.70 -16.39
N ASN A 47 -6.47 -15.42 -16.22
CA ASN A 47 -6.70 -14.44 -17.29
C ASN A 47 -6.15 -13.05 -16.96
N CYS A 48 -6.60 -12.06 -17.71
CA CYS A 48 -6.25 -10.67 -17.49
C CYS A 48 -7.51 -9.90 -17.36
N TRP A 49 -7.40 -8.64 -16.98
CA TRP A 49 -8.53 -7.74 -17.04
C TRP A 49 -8.13 -6.44 -17.74
N VAL A 50 -9.05 -5.93 -18.54
CA VAL A 50 -8.83 -4.73 -19.32
C VAL A 50 -10.19 -4.11 -19.51
N ARG A 51 -10.24 -2.79 -19.60
CA ARG A 51 -11.51 -2.08 -19.63
C ARG A 51 -11.75 -1.40 -20.98
N PRO A 52 -12.76 -1.85 -21.72
CA PRO A 52 -13.08 -1.39 -23.07
C PRO A 52 -13.06 0.13 -23.31
N ASP A 53 -13.57 0.93 -22.38
CA ASP A 53 -13.60 2.40 -22.55
C ASP A 53 -12.21 2.98 -22.39
N LYS A 55 -8.48 4.20 -22.07
CA LYS A 55 -7.42 4.37 -23.04
C LYS A 55 -6.13 3.81 -22.50
N TYR A 56 -5.50 2.95 -23.30
CA TYR A 56 -4.19 2.40 -22.96
C TYR A 56 -3.16 2.91 -23.95
N ILE A 57 -1.92 2.53 -23.74
CA ILE A 57 -0.80 3.02 -24.52
C ILE A 57 0.24 1.91 -24.58
N GLY A 58 0.94 1.80 -25.69
CA GLY A 58 2.14 0.97 -25.78
C GLY A 58 3.30 1.92 -25.77
N PHE A 59 4.32 1.65 -24.96
CA PHE A 59 5.50 2.53 -24.92
C PHE A 59 6.75 1.71 -24.76
N GLU A 60 7.88 2.22 -25.23
CA GLU A 60 9.09 1.42 -25.23
C GLU A 60 9.96 1.71 -24.03
N THR A 61 10.44 0.62 -23.44
CA THR A 61 11.17 0.63 -22.19
C THR A 61 12.66 0.77 -22.43
N VAL A 62 13.44 0.76 -21.35
CA VAL A 62 14.90 0.88 -21.41
C VAL A 62 15.54 -0.13 -22.35
N ASN A 63 15.05 -1.36 -22.33
CA ASN A 63 15.69 -2.43 -23.08
C ASN A 63 14.96 -2.78 -24.37
N GLY A 64 14.03 -1.93 -24.78
CA GLY A 64 13.39 -2.08 -26.11
C GLY A 64 12.10 -2.89 -26.08
N ASP A 65 11.94 -3.77 -25.10
CA ASP A 65 10.64 -4.36 -24.84
C ASP A 65 9.64 -3.23 -24.76
N ILE A 66 8.40 -3.47 -25.15
CA ILE A 66 7.41 -2.39 -25.01
C ILE A 66 6.25 -2.84 -24.14
N PHE A 67 5.90 -2.01 -23.16
CA PHE A 67 4.84 -2.32 -22.22
C PHE A 67 3.54 -1.71 -22.65
N ILE A 68 2.45 -2.37 -22.25
CA ILE A 68 1.12 -1.83 -22.42
C ILE A 68 0.46 -1.60 -21.07
N CYS A 69 0.00 -0.38 -20.85
CA CYS A 69 -0.69 0.01 -19.65
C CYS A 69 -1.24 1.40 -19.88
N THR A 70 -1.79 2.05 -18.86
CA THR A 70 -2.31 3.40 -19.01
C THR A 70 -1.17 4.36 -19.19
N GLN A 71 -1.44 5.50 -19.81
CA GLN A 71 -0.42 6.52 -20.02
C GLN A 71 -0.03 7.13 -18.67
N LYS A 72 -0.99 7.21 -17.76
CA LYS A 72 -0.73 7.61 -16.39
C LYS A 72 0.26 6.64 -15.70
N ALA A 73 0.09 5.35 -15.89
CA ALA A 73 0.99 4.39 -15.25
C ALA A 73 2.38 4.52 -15.84
N ALA A 74 2.43 4.70 -17.16
CA ALA A 74 3.70 4.80 -17.86
C ALA A 74 4.52 5.95 -17.30
N ARG A 75 3.90 7.13 -17.23
CA ARG A 75 4.51 8.33 -16.67
C ARG A 75 5.21 8.01 -15.36
N ASN A 76 4.45 7.41 -14.43
CA ASN A 76 4.97 7.00 -13.12
C ASN A 76 6.17 6.06 -13.26
N SER A 78 8.21 6.04 -15.88
CA SER A 78 9.33 6.77 -16.50
C SER A 78 10.18 7.43 -15.44
N TYR A 79 9.57 7.76 -14.31
CA TYR A 79 10.28 8.40 -13.22
C TYR A 79 10.91 7.43 -12.24
N GLN A 80 10.97 6.14 -12.58
CA GLN A 80 11.68 5.18 -11.74
C GLN A 80 12.48 4.17 -12.56
N GLY A 81 13.08 4.66 -13.65
CA GLY A 81 14.11 3.95 -14.39
C GLY A 81 13.64 3.00 -15.46
N PHE A 82 12.33 2.95 -15.69
CA PHE A 82 11.76 2.00 -16.63
C PHE A 82 12.09 2.37 -18.08
N THR A 83 12.21 3.67 -18.35
CA THR A 83 12.43 4.19 -19.70
C THR A 83 13.84 4.74 -19.86
N LYS A 84 14.31 4.80 -21.10
CA LYS A 84 15.70 5.20 -21.38
C LYS A 84 16.08 6.60 -20.83
N ASP A 85 15.16 7.56 -20.93
CA ASP A 85 15.39 8.88 -20.33
C ASP A 85 14.28 9.20 -19.31
N ASN A 86 14.67 9.79 -18.19
CA ASN A 86 13.75 10.08 -17.09
C ASN A 86 12.64 11.03 -17.49
N GLY A 87 11.40 10.63 -17.25
CA GLY A 87 10.24 11.47 -17.55
C GLY A 87 9.99 11.63 -19.04
N VAL A 88 10.39 10.61 -19.80
CA VAL A 88 10.21 10.60 -21.25
C VAL A 88 9.60 9.27 -21.71
N VAL A 89 8.32 9.31 -22.09
CA VAL A 89 7.61 8.10 -22.46
C VAL A 89 7.51 8.02 -23.97
N PRO A 90 8.37 7.23 -24.61
CA PRO A 90 8.21 7.11 -26.04
C PRO A 90 7.00 6.25 -26.37
N VAL A 91 5.89 6.91 -26.73
CA VAL A 91 4.66 6.22 -27.04
C VAL A 91 4.80 5.63 -28.44
N VAL A 92 4.47 4.34 -28.56
CA VAL A 92 4.55 3.65 -29.84
C VAL A 92 3.16 3.37 -30.44
N LYS A 93 2.14 3.24 -29.59
CA LYS A 93 0.77 3.08 -30.06
C LYS A 93 -0.22 3.57 -29.00
N GLU A 94 -1.25 4.30 -29.42
CA GLU A 94 -2.43 4.56 -28.59
C GLU A 94 -3.38 3.41 -28.78
N LEU A 95 -4.20 3.17 -27.78
CA LEU A 95 -5.01 1.95 -27.70
C LEU A 95 -6.34 2.15 -26.98
N GLY A 97 -9.40 -0.54 -24.66
CA GLY A 97 -9.62 -1.85 -24.08
C GLY A 97 -10.02 -2.87 -25.13
N GLU A 98 -11.05 -2.55 -25.90
CA GLU A 98 -11.55 -3.42 -26.96
C GLU A 98 -10.44 -3.92 -27.85
N GLU A 99 -9.52 -3.02 -28.17
CA GLU A 99 -8.56 -3.29 -29.21
C GLU A 99 -7.52 -4.36 -28.85
N ILE A 100 -7.43 -4.74 -27.57
CA ILE A 100 -6.57 -5.84 -27.16
C ILE A 100 -7.30 -6.98 -26.46
N LEU A 101 -8.61 -6.83 -26.29
CA LEU A 101 -9.41 -7.92 -25.74
C LEU A 101 -9.15 -9.19 -26.54
N GLY A 102 -8.95 -10.29 -25.82
CA GLY A 102 -8.83 -11.60 -26.43
C GLY A 102 -7.42 -12.01 -26.84
N ALA A 103 -6.47 -11.09 -26.71
CA ALA A 103 -5.08 -11.37 -27.03
C ALA A 103 -4.56 -12.56 -26.18
N SER A 104 -3.65 -13.33 -26.77
CA SER A 104 -3.08 -14.49 -26.11
C SER A 104 -1.90 -14.05 -25.25
N LEU A 105 -1.78 -14.65 -24.06
CA LEU A 105 -0.74 -14.27 -23.10
C LEU A 105 -0.07 -15.46 -22.44
N SER A 106 1.25 -15.40 -22.31
CA SER A 106 1.99 -16.33 -21.46
C SER A 106 2.40 -15.58 -20.21
N ALA A 107 1.63 -15.79 -19.14
CA ALA A 107 1.87 -15.12 -17.87
C ALA A 107 2.73 -16.02 -17.02
N PRO A 108 3.62 -15.44 -16.20
CA PRO A 108 4.56 -16.28 -15.47
C PRO A 108 3.94 -17.08 -14.33
N LEU A 109 4.65 -18.14 -13.94
CA LEU A 109 4.28 -19.06 -12.86
C LEU A 109 3.08 -19.93 -13.18
N THR A 110 1.96 -19.32 -13.56
CA THR A 110 0.70 -20.05 -13.75
C THR A 110 0.81 -21.36 -14.55
N SER A 111 -0.01 -22.34 -14.15
CA SER A 111 0.03 -23.67 -14.76
C SER A 111 -0.66 -23.68 -16.12
N TYR A 112 -1.55 -22.71 -16.35
CA TYR A 112 -2.13 -22.51 -17.67
C TYR A 112 -1.05 -21.88 -18.56
N LYS A 113 -0.49 -22.66 -19.47
CA LYS A 113 0.59 -22.16 -20.34
C LYS A 113 0.16 -20.97 -21.22
N VAL A 114 -1.14 -20.87 -21.51
CA VAL A 114 -1.66 -19.71 -22.23
C VAL A 114 -2.96 -19.24 -21.58
N ILE A 115 -3.02 -17.95 -21.27
CA ILE A 115 -4.24 -17.30 -20.76
C ILE A 115 -4.56 -16.10 -21.64
N TYR A 116 -5.80 -15.64 -21.57
CA TYR A 116 -6.29 -14.62 -22.49
C TYR A 116 -6.73 -13.35 -21.78
N VAL A 117 -6.81 -12.25 -22.54
CA VAL A 117 -7.27 -10.95 -22.02
C VAL A 117 -8.78 -10.87 -22.03
N LEU A 118 -9.37 -10.55 -20.89
CA LEU A 118 -10.83 -10.51 -20.79
C LEU A 118 -11.29 -9.12 -20.35
N PRO A 119 -12.55 -8.78 -20.61
CA PRO A 119 -13.03 -7.47 -20.22
C PRO A 119 -13.46 -7.39 -18.75
N LEU A 121 -15.65 -4.27 -16.62
CA LEU A 121 -16.36 -3.02 -16.94
C LEU A 121 -16.01 -1.82 -16.04
N THR A 122 -15.48 -2.08 -14.85
CA THR A 122 -15.14 -1.03 -13.89
C THR A 122 -13.74 -1.23 -13.34
N ILE A 123 -12.76 -0.74 -14.09
CA ILE A 123 -11.42 -0.54 -13.62
C ILE A 123 -11.29 0.96 -13.51
N LYS A 124 -10.66 1.43 -12.44
CA LYS A 124 -10.48 2.85 -12.19
C LYS A 124 -9.06 3.24 -12.53
N GLU A 125 -8.91 4.41 -13.19
CA GLU A 125 -7.59 4.91 -13.61
C GLU A 125 -6.87 5.63 -12.47
N ASP A 126 -7.44 5.52 -11.27
CA ASP A 126 -6.90 6.08 -10.04
C ASP A 126 -5.60 5.33 -9.64
N LYS A 127 -5.74 4.16 -9.01
CA LYS A 127 -4.57 3.34 -8.71
C LYS A 127 -4.25 2.46 -9.93
N GLY A 128 -3.11 1.81 -9.91
CA GLY A 128 -2.85 0.68 -10.81
C GLY A 128 -2.41 0.99 -12.22
N THR A 129 -2.14 -0.07 -12.99
CA THR A 129 -1.63 0.04 -14.36
C THR A 129 -2.73 -0.05 -15.41
N GLY A 130 -3.97 -0.23 -14.97
CA GLY A 130 -5.09 -0.36 -15.90
C GLY A 130 -5.30 -1.79 -16.37
N VAL A 131 -4.22 -2.56 -16.47
CA VAL A 131 -4.29 -4.00 -16.72
C VAL A 131 -4.29 -4.68 -15.37
N VAL A 132 -5.35 -5.40 -15.05
CA VAL A 132 -5.45 -6.04 -13.73
C VAL A 132 -5.24 -7.56 -13.76
N THR A 133 -4.54 -8.05 -12.73
CA THR A 133 -4.25 -9.47 -12.57
C THR A 133 -5.52 -10.28 -12.23
N SER A 134 -5.53 -11.58 -12.56
CA SER A 134 -6.68 -12.45 -12.18
C SER A 134 -6.32 -13.84 -11.63
N VAL A 135 -6.42 -13.96 -10.30
CA VAL A 135 -6.37 -15.23 -9.61
C VAL A 135 -7.68 -15.40 -8.83
N PRO A 136 -8.67 -16.04 -9.44
CA PRO A 136 -10.00 -16.16 -8.86
C PRO A 136 -10.11 -17.20 -7.77
N SER A 137 -9.10 -18.07 -7.64
CA SER A 137 -9.02 -18.98 -6.51
C SER A 137 -8.99 -18.24 -5.18
N ASP A 138 -8.27 -17.11 -5.16
CA ASP A 138 -8.01 -16.37 -3.94
C ASP A 138 -8.43 -14.91 -3.94
N SER A 139 -8.87 -14.36 -5.09
CA SER A 139 -9.37 -12.97 -5.14
C SER A 139 -10.83 -12.88 -5.48
N PRO A 140 -11.65 -12.36 -4.55
CA PRO A 140 -13.10 -12.37 -4.69
C PRO A 140 -13.66 -11.50 -5.82
N ASP A 141 -12.92 -10.49 -6.27
CA ASP A 141 -13.35 -9.72 -7.42
C ASP A 141 -13.23 -10.56 -8.66
N ASP A 142 -12.28 -11.49 -8.67
CA ASP A 142 -11.95 -12.21 -9.89
C ASP A 142 -12.93 -13.33 -10.21
N ILE A 143 -13.35 -14.11 -9.23
CA ILE A 143 -14.45 -15.06 -9.48
C ILE A 143 -15.74 -14.32 -9.81
N ALA A 144 -16.06 -13.26 -9.07
CA ALA A 144 -17.29 -12.52 -9.35
C ALA A 144 -17.34 -12.21 -10.84
N ALA A 145 -16.24 -11.67 -11.33
CA ALA A 145 -16.13 -11.28 -12.73
C ALA A 145 -16.16 -12.50 -13.63
N LEU A 146 -15.35 -13.50 -13.30
CA LEU A 146 -15.27 -14.70 -14.16
C LEU A 146 -16.64 -15.35 -14.26
N ARG A 147 -17.20 -15.74 -13.13
CA ARG A 147 -18.58 -16.23 -13.09
C ARG A 147 -19.44 -15.38 -13.99
N ASP A 148 -19.46 -14.07 -13.73
CA ASP A 148 -20.29 -13.14 -14.49
C ASP A 148 -20.25 -13.35 -15.99
N LEU A 149 -19.08 -13.63 -16.55
CA LEU A 149 -18.95 -13.89 -17.98
C LEU A 149 -19.44 -15.31 -18.30
N LYS A 150 -18.93 -16.27 -17.55
CA LYS A 150 -19.36 -17.65 -17.69
C LYS A 150 -20.90 -17.83 -17.64
N LYS A 151 -21.61 -16.94 -16.94
CA LYS A 151 -23.08 -16.98 -16.90
C LYS A 151 -23.66 -16.48 -18.22
N LYS A 152 -23.29 -15.26 -18.60
CA LYS A 152 -23.97 -14.55 -19.69
C LYS A 152 -23.22 -14.62 -21.02
N GLN A 153 -23.86 -15.19 -22.03
CA GLN A 153 -23.22 -15.44 -23.33
C GLN A 153 -23.16 -14.17 -24.17
N ALA A 154 -24.32 -13.53 -24.35
CA ALA A 154 -24.44 -12.27 -25.10
C ALA A 154 -23.43 -11.22 -24.64
N LEU A 155 -23.09 -11.24 -23.35
CA LEU A 155 -22.17 -10.26 -22.78
C LEU A 155 -20.68 -10.53 -23.10
N ARG A 156 -20.37 -11.71 -23.62
CA ARG A 156 -19.04 -12.01 -24.19
C ARG A 156 -19.01 -11.70 -25.67
N ALA A 157 -20.11 -12.03 -26.34
CA ALA A 157 -20.25 -11.82 -27.77
C ALA A 157 -20.18 -10.34 -28.14
N LYS A 158 -20.57 -9.46 -27.22
CA LYS A 158 -20.44 -8.02 -27.43
C LYS A 158 -19.00 -7.66 -27.81
N TYR A 159 -18.07 -8.29 -27.11
CA TYR A 159 -16.64 -7.99 -27.25
C TYR A 159 -15.87 -9.02 -28.08
N GLY A 160 -16.55 -10.06 -28.55
CA GLY A 160 -15.93 -11.06 -29.42
C GLY A 160 -14.93 -11.91 -28.68
N ILE A 161 -15.43 -12.67 -27.71
CA ILE A 161 -14.59 -13.52 -26.89
C ILE A 161 -15.07 -14.96 -26.97
N ARG A 162 -14.14 -15.87 -27.24
CA ARG A 162 -14.46 -17.28 -27.45
C ARG A 162 -14.70 -18.06 -26.16
N ASP A 163 -15.48 -19.14 -26.29
CA ASP A 163 -15.62 -20.12 -25.23
C ASP A 163 -14.24 -20.67 -24.88
N ASP A 164 -13.39 -20.82 -25.90
CA ASP A 164 -11.96 -21.15 -25.75
C ASP A 164 -11.29 -20.38 -24.63
N VAL A 166 -12.57 -18.53 -21.87
CA VAL A 166 -13.23 -18.34 -20.57
C VAL A 166 -13.66 -19.65 -19.90
N LEU A 167 -14.47 -20.45 -20.60
CA LEU A 167 -15.11 -21.64 -20.02
C LEU A 167 -14.14 -22.71 -19.48
N PRO A 168 -13.11 -23.10 -20.26
CA PRO A 168 -12.21 -24.15 -19.77
C PRO A 168 -11.33 -23.75 -18.58
N PHE A 169 -11.39 -22.49 -18.18
CA PHE A 169 -10.48 -21.95 -17.18
C PHE A 169 -11.05 -22.06 -15.77
N GLU A 170 -10.47 -22.94 -14.96
CA GLU A 170 -10.90 -23.18 -13.59
C GLU A 170 -9.93 -22.57 -12.60
N PRO A 171 -10.46 -21.99 -11.52
CA PRO A 171 -9.59 -21.56 -10.44
C PRO A 171 -8.66 -22.69 -9.99
N VAL A 172 -7.39 -22.36 -9.82
CA VAL A 172 -6.38 -23.34 -9.44
C VAL A 172 -6.05 -23.13 -7.96
N PRO A 173 -6.28 -24.16 -7.12
CA PRO A 173 -5.88 -24.08 -5.72
C PRO A 173 -4.40 -23.76 -5.53
N VAL A 174 -4.13 -22.66 -4.83
CA VAL A 174 -2.77 -22.20 -4.56
C VAL A 174 -2.46 -22.19 -3.06
N ILE A 175 -3.42 -21.74 -2.25
CA ILE A 175 -3.22 -21.54 -0.82
C ILE A 175 -4.33 -22.14 0.03
N GLU A 176 -3.95 -22.95 1.02
CA GLU A 176 -4.90 -23.49 2.00
C GLU A 176 -4.96 -22.56 3.18
N ILE A 177 -6.06 -21.84 3.31
CA ILE A 177 -6.26 -21.00 4.49
C ILE A 177 -7.33 -21.65 5.39
N PRO A 178 -7.02 -21.81 6.69
CA PRO A 178 -7.75 -22.61 7.66
C PRO A 178 -9.28 -22.64 7.57
N GLY A 179 -9.89 -21.46 7.52
CA GLY A 179 -11.36 -21.39 7.56
C GLY A 179 -12.07 -21.89 6.31
N PHE A 180 -11.42 -21.67 5.17
CA PHE A 180 -12.07 -21.74 3.86
C PHE A 180 -11.37 -22.64 2.83
N GLY A 181 -10.20 -23.16 3.18
CA GLY A 181 -9.52 -24.13 2.32
C GLY A 181 -8.86 -23.56 1.08
N ASN A 182 -9.14 -24.18 -0.07
CA ASN A 182 -8.36 -23.99 -1.30
C ASN A 182 -8.82 -22.85 -2.15
N LEU A 183 -10.08 -22.94 -2.58
CA LEU A 183 -10.72 -21.90 -3.34
C LEU A 183 -11.44 -21.04 -2.31
N SER A 184 -10.63 -20.27 -1.57
CA SER A 184 -11.09 -19.58 -0.38
C SER A 184 -11.82 -18.33 -0.79
N ALA A 185 -11.38 -17.75 -1.91
CA ALA A 185 -12.11 -16.63 -2.49
C ALA A 185 -13.48 -17.14 -2.85
N VAL A 186 -13.50 -18.18 -3.67
CA VAL A 186 -14.76 -18.75 -4.14
C VAL A 186 -15.76 -19.01 -2.99
N THR A 187 -15.30 -19.69 -1.94
CA THR A 187 -16.20 -20.21 -0.91
C THR A 187 -16.78 -19.15 0.03
N ILE A 188 -16.20 -17.94 0.07
CA ILE A 188 -16.85 -16.87 0.85
C ILE A 188 -17.90 -16.12 0.04
N CYS A 189 -17.64 -15.85 -1.24
CA CYS A 189 -18.64 -15.15 -2.02
C CYS A 189 -19.87 -16.03 -2.20
N ASP A 190 -19.73 -17.33 -1.90
CA ASP A 190 -20.88 -18.20 -1.76
C ASP A 190 -21.59 -17.93 -0.45
N GLU A 191 -20.82 -17.89 0.63
CA GLU A 191 -21.38 -17.57 1.96
C GLU A 191 -22.09 -16.21 1.94
N LEU A 192 -21.45 -15.23 1.32
CA LEU A 192 -22.00 -13.89 1.24
C LEU A 192 -23.03 -13.75 0.13
N LYS A 193 -23.07 -14.72 -0.78
CA LYS A 193 -24.09 -14.81 -1.81
C LYS A 193 -23.98 -13.64 -2.77
N ILE A 194 -22.87 -13.58 -3.49
CA ILE A 194 -22.64 -12.51 -4.45
C ILE A 194 -23.02 -12.98 -5.85
N GLN A 195 -23.66 -12.10 -6.62
CA GLN A 195 -24.11 -12.44 -7.97
C GLN A 195 -23.24 -11.79 -9.01
N SER A 196 -23.05 -10.48 -8.90
CA SER A 196 -22.29 -9.74 -9.91
C SER A 196 -20.95 -9.18 -9.40
N GLN A 197 -20.20 -8.61 -10.35
CA GLN A 197 -19.06 -7.76 -10.04
C GLN A 197 -19.57 -6.56 -9.24
N ASN A 198 -20.79 -6.12 -9.54
CA ASN A 198 -21.37 -4.89 -9.02
C ASN A 198 -22.08 -5.07 -7.66
N ASP A 199 -21.59 -6.00 -6.84
CA ASP A 199 -22.01 -6.09 -5.44
C ASP A 199 -20.90 -5.54 -4.57
N ARG A 200 -20.47 -4.31 -4.86
CA ARG A 200 -19.19 -3.78 -4.40
C ARG A 200 -18.99 -3.86 -2.90
N GLU A 201 -20.05 -3.58 -2.14
CA GLU A 201 -19.93 -3.57 -0.68
C GLU A 201 -20.04 -4.95 -0.03
N LYS A 202 -20.61 -5.91 -0.75
CA LYS A 202 -20.54 -7.32 -0.34
C LYS A 202 -19.13 -7.87 -0.59
N LEU A 203 -18.56 -7.52 -1.75
CA LEU A 203 -17.18 -7.87 -2.07
C LEU A 203 -16.23 -7.29 -1.04
N ALA A 204 -16.43 -6.02 -0.70
CA ALA A 204 -15.62 -5.35 0.33
C ALA A 204 -15.51 -6.21 1.57
N GLU A 205 -16.65 -6.70 2.05
CA GLU A 205 -16.69 -7.49 3.27
C GLU A 205 -16.01 -8.84 3.07
N ALA A 206 -16.02 -9.33 1.83
CA ALA A 206 -15.30 -10.54 1.50
C ALA A 206 -13.81 -10.28 1.69
N LYS A 207 -13.29 -9.35 0.91
CA LYS A 207 -11.88 -8.98 0.97
C LYS A 207 -11.41 -8.80 2.42
N GLU A 208 -12.26 -8.17 3.23
CA GLU A 208 -12.00 -7.98 4.66
C GLU A 208 -11.48 -9.26 5.32
N LYS A 209 -12.22 -10.34 5.12
CA LYS A 209 -11.92 -11.60 5.79
C LYS A 209 -10.67 -12.24 5.22
N ILE A 210 -10.73 -12.58 3.94
CA ILE A 210 -9.77 -13.54 3.37
C ILE A 210 -8.40 -12.98 3.02
N TYR A 211 -8.26 -11.67 2.90
CA TYR A 211 -6.98 -11.12 2.49
C TYR A 211 -5.93 -11.27 3.60
N LEU A 212 -6.26 -10.78 4.80
CA LEU A 212 -5.31 -10.85 5.91
C LEU A 212 -5.15 -12.27 6.41
N LYS A 213 -6.26 -12.99 6.52
CA LYS A 213 -6.20 -14.34 7.01
C LYS A 213 -5.36 -15.21 6.08
N GLY A 214 -5.54 -15.02 4.79
CA GLY A 214 -4.74 -15.73 3.80
C GLY A 214 -3.24 -15.45 3.94
N PHE A 215 -2.90 -14.20 4.21
CA PHE A 215 -1.51 -13.81 4.30
C PHE A 215 -0.91 -14.37 5.56
N TYR A 216 -1.58 -14.11 6.69
CA TYR A 216 -1.01 -14.47 7.99
C TYR A 216 -1.19 -15.95 8.32
N GLU A 217 -2.33 -16.52 7.92
CA GLU A 217 -2.65 -17.90 8.24
C GLU A 217 -2.59 -18.84 7.03
N GLY A 218 -2.21 -18.33 5.86
CA GLY A 218 -2.17 -19.13 4.63
C GLY A 218 -1.06 -20.15 4.60
N ILE A 219 -1.23 -21.18 3.78
CA ILE A 219 -0.27 -22.27 3.64
C ILE A 219 -0.21 -22.77 2.19
N LEU A 221 0.30 -24.52 -1.45
CA LEU A 221 -0.03 -25.81 -2.06
C LEU A 221 0.82 -26.16 -3.28
N VAL A 222 1.53 -25.18 -3.84
CA VAL A 222 2.26 -25.38 -5.10
C VAL A 222 3.62 -26.06 -4.91
N ASP A 223 4.01 -26.83 -5.93
CA ASP A 223 5.28 -27.54 -5.95
C ASP A 223 6.42 -26.58 -5.79
N GLY A 224 7.50 -27.05 -5.17
CA GLY A 224 8.67 -26.22 -4.88
C GLY A 224 8.62 -25.63 -3.49
N PHE A 225 7.42 -25.55 -2.92
CA PHE A 225 7.23 -25.07 -1.55
C PHE A 225 5.83 -25.36 -1.02
N LYS A 226 5.55 -26.64 -0.78
CA LYS A 226 4.32 -27.02 -0.14
C LYS A 226 4.54 -26.89 1.35
N GLY A 227 3.47 -26.59 2.09
CA GLY A 227 3.54 -26.45 3.54
C GLY A 227 4.39 -25.29 4.03
N GLN A 228 4.38 -24.20 3.27
CA GLN A 228 5.19 -23.02 3.59
C GLN A 228 4.28 -21.85 3.88
N LYS A 229 4.64 -21.04 4.87
CA LYS A 229 3.84 -19.88 5.23
C LYS A 229 3.87 -18.83 4.11
N VAL A 230 2.70 -18.40 3.67
CA VAL A 230 2.60 -17.36 2.65
C VAL A 230 3.51 -16.20 2.99
N GLN A 231 3.35 -15.74 4.22
CA GLN A 231 4.20 -14.74 4.83
C GLN A 231 5.67 -14.94 4.50
N ASP A 232 6.25 -16.04 4.98
CA ASP A 232 7.69 -16.34 4.81
C ASP A 232 8.13 -16.52 3.35
N VAL A 233 7.20 -16.90 2.48
CA VAL A 233 7.52 -17.28 1.12
C VAL A 233 7.44 -16.13 0.13
N LYS A 234 6.44 -15.27 0.27
CA LYS A 234 6.15 -14.18 -0.69
C LYS A 234 7.36 -13.48 -1.31
N LYS A 235 8.27 -13.01 -0.47
CA LYS A 235 9.45 -12.27 -0.94
C LYS A 235 10.35 -13.10 -1.85
N THR A 236 10.42 -14.40 -1.58
CA THR A 236 11.31 -15.28 -2.33
C THR A 236 10.69 -15.66 -3.67
N ILE A 237 9.36 -15.56 -3.76
CA ILE A 237 8.63 -15.72 -5.03
C ILE A 237 8.75 -14.47 -5.91
N GLN A 238 8.68 -13.33 -5.26
CA GLN A 238 8.91 -12.08 -5.95
C GLN A 238 10.28 -12.13 -6.61
N LYS A 239 11.30 -12.58 -5.90
CA LYS A 239 12.65 -12.59 -6.48
C LYS A 239 12.83 -13.58 -7.62
N LYS A 240 12.07 -14.67 -7.63
CA LYS A 240 12.13 -15.58 -8.78
C LYS A 240 11.70 -14.87 -10.04
N ILE A 242 11.51 -11.73 -10.77
CA ILE A 242 12.43 -10.68 -11.15
C ILE A 242 13.70 -11.28 -11.74
N ASP A 243 14.33 -12.20 -11.01
CA ASP A 243 15.56 -12.82 -11.49
C ASP A 243 15.36 -13.55 -12.82
N ALA A 244 14.15 -14.04 -13.04
CA ALA A 244 13.78 -14.72 -14.27
C ALA A 244 13.29 -13.75 -15.33
N GLY A 245 13.47 -12.45 -15.08
CA GLY A 245 13.06 -11.42 -16.01
C GLY A 245 11.57 -11.36 -16.31
N ASP A 246 10.74 -11.83 -15.37
CA ASP A 246 9.29 -11.91 -15.57
C ASP A 246 8.50 -10.83 -14.84
N ALA A 247 9.11 -10.16 -13.88
CA ALA A 247 8.44 -9.11 -13.12
C ALA A 247 9.43 -8.04 -12.67
N LEU A 248 8.90 -6.88 -12.31
CA LEU A 248 9.70 -5.76 -11.85
C LEU A 248 9.12 -5.16 -10.58
N ILE A 249 9.97 -4.46 -9.82
CA ILE A 249 9.49 -3.69 -8.67
C ILE A 249 8.91 -2.41 -9.20
N TYR A 250 7.67 -2.12 -8.83
CA TYR A 250 6.99 -0.93 -9.30
C TYR A 250 6.47 -0.13 -8.12
N GLU A 252 4.37 2.95 -6.40
CA GLU A 252 3.20 3.81 -6.60
C GLU A 252 2.62 4.24 -5.28
N ALA B 1 -5.37 -5.94 -8.07
CA ALA B 1 -4.53 -5.14 -7.12
C ALA B 1 -4.29 -5.86 -5.77
N GLY B 3 -4.62 -7.31 -1.67
CA GLY B 3 -4.20 -6.77 -0.37
C GLY B 3 -3.92 -7.90 0.63
N PRO B 4 -3.31 -7.59 1.77
CA PRO B 4 -3.04 -6.29 2.37
C PRO B 4 -1.63 -5.77 2.10
N GLN B 5 -1.39 -4.50 2.44
CA GLN B 5 -0.08 -3.90 2.30
C GLN B 5 0.77 -4.03 3.58
N GLU B 6 2.09 -4.09 3.39
CA GLU B 6 3.08 -4.07 4.46
C GLU B 6 3.41 -2.65 4.93
N TYR B 7 3.09 -2.34 6.18
CA TYR B 7 3.47 -1.08 6.80
C TYR B 7 4.43 -1.32 7.95
N THR B 8 5.17 -0.28 8.32
CA THR B 8 6.00 -0.30 9.52
C THR B 8 5.22 0.42 10.61
N LEU B 9 4.98 -0.28 11.72
CA LEU B 9 4.27 0.29 12.87
C LEU B 9 5.28 0.69 13.93
N LEU B 10 5.51 2.00 14.10
CA LEU B 10 6.41 2.48 15.14
C LEU B 10 5.76 2.36 16.52
N LYS B 11 6.58 2.16 17.54
CA LYS B 11 6.09 2.19 18.93
C LYS B 11 6.58 3.46 19.65
N LEU B 12 5.64 4.37 19.91
CA LEU B 12 5.95 5.62 20.59
C LEU B 12 5.61 5.47 22.06
N LYS B 13 6.62 5.49 22.93
CA LYS B 13 6.40 5.13 24.32
C LYS B 13 5.90 6.30 25.14
N VAL B 14 4.75 6.13 25.79
CA VAL B 14 4.19 7.18 26.61
C VAL B 14 5.07 7.29 27.83
N LEU B 15 5.57 8.49 28.07
CA LEU B 15 6.55 8.72 29.13
C LEU B 15 5.86 9.35 30.31
N GLU B 16 6.38 9.03 31.50
CA GLU B 16 5.94 9.67 32.72
C GLU B 16 6.42 11.12 32.59
N PRO B 17 5.55 12.10 32.92
CA PRO B 17 4.27 12.01 33.61
C PRO B 17 3.12 11.65 32.70
N TYR B 18 2.43 10.55 33.02
CA TYR B 18 1.29 10.13 32.19
C TYR B 18 0.16 11.12 32.29
N PRO B 19 -0.66 11.24 31.23
CA PRO B 19 -1.90 11.98 31.36
C PRO B 19 -2.91 11.24 32.24
N SER B 20 -3.91 11.98 32.71
CA SER B 20 -4.75 11.54 33.82
C SER B 20 -5.67 10.37 33.49
N LYS B 21 -6.06 10.19 32.22
CA LYS B 21 -6.92 9.06 31.87
C LYS B 21 -6.16 7.76 31.89
N LEU B 22 -4.84 7.84 31.81
CA LEU B 22 -3.99 6.65 31.85
C LEU B 22 -3.39 6.40 33.24
N SER B 23 -3.90 7.09 34.26
CA SER B 23 -3.34 6.96 35.59
C SER B 23 -3.38 5.53 36.15
N GLY B 24 -4.46 4.81 35.84
CA GLY B 24 -4.66 3.43 36.32
C GLY B 24 -3.74 2.39 35.69
N LEU B 25 -3.11 2.79 34.59
CA LEU B 25 -2.15 1.94 33.90
C LEU B 25 -0.71 2.30 34.26
N LYS B 26 -0.53 3.21 35.22
CA LYS B 26 0.82 3.55 35.68
C LYS B 26 1.55 2.27 36.05
N GLY B 27 2.85 2.24 35.77
CA GLY B 27 3.66 1.04 36.00
C GLY B 27 3.78 0.15 34.77
N LYS B 28 2.72 0.08 33.98
CA LYS B 28 2.71 -0.71 32.77
C LYS B 28 3.28 0.08 31.57
N ASN B 29 3.80 -0.65 30.59
CA ASN B 29 4.39 -0.06 29.38
C ASN B 29 3.34 0.27 28.35
N ILE B 30 3.21 1.55 28.05
CA ILE B 30 2.18 2.01 27.11
C ILE B 30 2.85 2.60 25.88
N PHE B 31 2.31 2.27 24.71
CA PHE B 31 2.79 2.83 23.45
C PHE B 31 1.65 3.31 22.59
N LEU B 32 1.72 4.56 22.15
CA LEU B 32 0.93 5.01 21.02
C LEU B 32 1.60 4.36 19.85
N VAL B 33 0.81 4.11 18.81
CA VAL B 33 1.24 3.22 17.75
C VAL B 33 0.77 3.75 16.37
N ALA B 34 1.74 3.99 15.48
CA ALA B 34 1.46 4.65 14.18
C ALA B 34 2.21 3.99 13.03
N ALA B 35 1.55 3.93 11.88
CA ALA B 35 2.03 3.21 10.72
C ALA B 35 2.71 4.15 9.71
N THR B 36 3.66 3.63 8.95
CA THR B 36 4.27 4.41 7.85
C THR B 36 4.86 3.55 6.73
N LEU B 37 4.97 4.15 5.55
CA LEU B 37 5.60 3.50 4.42
C LEU B 37 7.02 3.98 4.22
N ARG B 38 7.45 4.95 5.04
CA ARG B 38 8.72 5.62 4.83
C ARG B 38 9.53 5.72 6.12
N PRO B 39 10.03 4.59 6.62
CA PRO B 39 10.70 4.53 7.91
C PRO B 39 12.08 5.18 7.85
N GLU B 40 12.61 5.38 6.67
CA GLU B 40 13.88 6.07 6.55
C GLU B 40 13.77 7.52 7.05
N THR B 41 12.58 8.12 6.89
CA THR B 41 12.36 9.52 7.29
C THR B 41 12.18 9.69 8.78
N PHE B 43 13.84 9.49 11.27
CA PHE B 43 14.90 10.13 12.05
C PHE B 43 14.54 11.57 12.38
N GLY B 44 13.58 12.15 11.65
CA GLY B 44 13.26 13.58 11.79
C GLY B 44 11.85 13.82 12.30
N GLN B 45 11.42 13.01 13.27
CA GLN B 45 10.11 13.16 13.88
C GLN B 45 10.11 14.36 14.79
N THR B 46 9.00 15.09 14.78
CA THR B 46 8.80 16.25 15.64
C THR B 46 7.65 16.08 16.65
N ASN B 47 6.70 15.21 16.36
CA ASN B 47 5.52 15.09 17.19
C ASN B 47 4.65 13.91 16.78
N CYS B 48 3.42 13.91 17.28
CA CYS B 48 2.42 12.93 16.93
C CYS B 48 1.20 13.67 16.41
N TRP B 49 0.26 12.91 15.88
CA TRP B 49 -1.05 13.45 15.60
C TRP B 49 -2.15 12.58 16.16
N VAL B 50 -3.19 13.22 16.66
CA VAL B 50 -4.30 12.55 17.25
C VAL B 50 -5.48 13.47 17.01
N ARG B 51 -6.67 12.90 16.95
CA ARG B 51 -7.86 13.66 16.62
C ARG B 51 -8.83 13.68 17.80
N PRO B 52 -9.08 14.87 18.37
CA PRO B 52 -9.94 15.10 19.54
C PRO B 52 -11.30 14.37 19.56
N ASP B 53 -12.01 14.34 18.43
CA ASP B 53 -13.33 13.69 18.36
C ASP B 53 -13.18 12.19 18.43
N LYS B 55 -12.53 8.33 18.73
CA LYS B 55 -12.40 7.42 19.88
C LYS B 55 -11.21 6.50 19.69
N TYR B 56 -10.38 6.43 20.72
CA TYR B 56 -9.24 5.53 20.75
C TYR B 56 -9.44 4.52 21.86
N ILE B 57 -8.50 3.59 21.96
CA ILE B 57 -8.61 2.49 22.89
C ILE B 57 -7.21 2.11 23.32
N GLY B 58 -7.08 1.67 24.57
CA GLY B 58 -5.85 1.04 25.01
C GLY B 58 -6.20 -0.42 25.05
N PHE B 59 -5.30 -1.28 24.60
CA PHE B 59 -5.53 -2.72 24.70
C PHE B 59 -4.24 -3.44 24.93
N GLU B 60 -4.30 -4.61 25.55
CA GLU B 60 -3.06 -5.29 25.93
C GLU B 60 -2.66 -6.31 24.89
N THR B 61 -1.35 -6.30 24.59
CA THR B 61 -0.75 -7.10 23.53
C THR B 61 -0.24 -8.42 24.07
N VAL B 62 0.31 -9.24 23.19
CA VAL B 62 0.83 -10.56 23.53
C VAL B 62 1.78 -10.53 24.74
N ASN B 63 2.66 -9.52 24.78
CA ASN B 63 3.70 -9.47 25.80
C ASN B 63 3.39 -8.55 26.94
N GLY B 64 2.15 -8.07 27.02
CA GLY B 64 1.70 -7.28 28.17
C GLY B 64 1.84 -5.78 28.00
N ASP B 65 2.74 -5.35 27.13
CA ASP B 65 2.76 -3.96 26.67
C ASP B 65 1.35 -3.63 26.21
N ILE B 66 0.92 -2.38 26.36
CA ILE B 66 -0.41 -2.05 25.89
C ILE B 66 -0.33 -0.92 24.86
N PHE B 67 -0.99 -1.13 23.72
CA PHE B 67 -0.99 -0.18 22.65
C PHE B 67 -2.20 0.75 22.71
N ILE B 68 -2.02 1.95 22.19
CA ILE B 68 -3.10 2.88 21.98
C ILE B 68 -3.26 3.18 20.49
N CYS B 69 -4.48 2.97 20.00
CA CYS B 69 -4.87 3.24 18.63
C CYS B 69 -6.38 3.05 18.56
N THR B 70 -6.96 3.13 17.36
CA THR B 70 -8.41 2.94 17.19
C THR B 70 -8.79 1.50 17.43
N GLN B 71 -10.05 1.30 17.81
CA GLN B 71 -10.52 -0.04 18.10
C GLN B 71 -10.55 -0.84 16.80
N LYS B 72 -10.82 -0.13 15.70
CA LYS B 72 -10.73 -0.72 14.37
C LYS B 72 -9.33 -1.21 14.02
N ALA B 73 -8.30 -0.44 14.38
CA ALA B 73 -6.93 -0.83 14.11
C ALA B 73 -6.55 -2.02 14.96
N ALA B 74 -6.98 -1.99 16.22
CA ALA B 74 -6.68 -3.07 17.16
C ALA B 74 -7.20 -4.41 16.65
N ARG B 75 -8.47 -4.43 16.24
CA ARG B 75 -9.11 -5.60 15.65
C ARG B 75 -8.22 -6.22 14.59
N ASN B 76 -7.83 -5.41 13.62
CA ASN B 76 -6.93 -5.82 12.54
C ASN B 76 -5.64 -6.42 13.07
N SER B 78 -5.30 -7.85 16.00
CA SER B 78 -5.57 -9.08 16.75
C SER B 78 -5.56 -10.27 15.84
N TYR B 79 -5.86 -10.03 14.57
CA TYR B 79 -5.85 -11.09 13.56
C TYR B 79 -4.49 -11.31 12.89
N GLN B 80 -3.43 -10.70 13.41
CA GLN B 80 -2.09 -10.96 12.91
C GLN B 80 -1.06 -11.06 14.02
N GLY B 81 -1.48 -11.66 15.12
CA GLY B 81 -0.56 -12.15 16.14
C GLY B 81 -0.25 -11.19 17.25
N PHE B 82 -0.80 -9.98 17.17
CA PHE B 82 -0.42 -8.92 18.08
C PHE B 82 -0.90 -9.22 19.50
N THR B 83 -2.04 -9.90 19.59
CA THR B 83 -2.72 -10.16 20.87
C THR B 83 -2.65 -11.64 21.25
N LYS B 84 -2.74 -11.93 22.54
CA LYS B 84 -2.53 -13.29 23.05
C LYS B 84 -3.43 -14.31 22.37
N ASP B 85 -4.69 -13.98 22.15
CA ASP B 85 -5.61 -14.88 21.44
C ASP B 85 -6.14 -14.21 20.20
N ASN B 86 -6.26 -14.98 19.13
CA ASN B 86 -6.65 -14.47 17.81
C ASN B 86 -8.05 -13.85 17.79
N GLY B 87 -8.15 -12.61 17.35
CA GLY B 87 -9.43 -11.93 17.24
C GLY B 87 -10.01 -11.53 18.57
N VAL B 88 -9.16 -11.36 19.58
CA VAL B 88 -9.62 -11.08 20.93
C VAL B 88 -8.84 -9.88 21.44
N VAL B 89 -9.53 -8.75 21.54
CA VAL B 89 -8.89 -7.48 21.95
C VAL B 89 -9.20 -7.12 23.40
N PRO B 90 -8.29 -7.45 24.34
CA PRO B 90 -8.58 -7.10 25.71
C PRO B 90 -8.43 -5.60 25.87
N VAL B 91 -9.56 -4.90 25.88
CA VAL B 91 -9.57 -3.46 25.98
C VAL B 91 -9.37 -3.09 27.43
N VAL B 92 -8.38 -2.24 27.69
CA VAL B 92 -8.04 -1.83 29.06
C VAL B 92 -8.58 -0.43 29.38
N LYS B 93 -8.70 0.42 28.37
CA LYS B 93 -9.25 1.76 28.56
C LYS B 93 -9.85 2.31 27.27
N GLU B 94 -11.07 2.85 27.34
CA GLU B 94 -11.62 3.63 26.23
C GLU B 94 -11.09 5.03 26.38
N LEU B 95 -11.03 5.75 25.27
CA LEU B 95 -10.31 7.03 25.23
C LEU B 95 -10.90 8.01 24.22
N GLY B 97 -9.40 11.68 21.73
CA GLY B 97 -8.22 12.41 21.31
C GLY B 97 -7.74 13.40 22.37
N GLU B 98 -8.67 14.23 22.85
CA GLU B 98 -8.38 15.21 23.90
C GLU B 98 -7.62 14.57 25.05
N GLU B 99 -8.08 13.40 25.45
CA GLU B 99 -7.65 12.80 26.71
C GLU B 99 -6.19 12.35 26.74
N ILE B 100 -5.52 12.32 25.59
CA ILE B 100 -4.08 12.04 25.53
C ILE B 100 -3.27 13.14 24.85
N LEU B 101 -3.95 14.18 24.37
CA LEU B 101 -3.26 15.32 23.82
C LEU B 101 -2.22 15.81 24.84
N GLY B 102 -1.01 16.07 24.35
CA GLY B 102 0.04 16.66 25.17
C GLY B 102 0.92 15.67 25.89
N ALA B 103 0.58 14.38 25.85
CA ALA B 103 1.38 13.35 26.50
C ALA B 103 2.83 13.37 25.99
N SER B 104 3.76 13.01 26.86
CA SER B 104 5.17 12.99 26.49
C SER B 104 5.51 11.67 25.84
N LEU B 105 6.36 11.70 24.81
CA LEU B 105 6.70 10.48 24.06
C LEU B 105 8.18 10.39 23.78
N SER B 106 8.74 9.19 23.89
CA SER B 106 10.06 8.93 23.36
C SER B 106 9.88 8.05 22.13
N ALA B 107 9.95 8.67 20.97
CA ALA B 107 9.79 7.98 19.72
C ALA B 107 11.16 7.55 19.20
N PRO B 108 11.23 6.39 18.53
CA PRO B 108 12.54 5.89 18.11
C PRO B 108 13.20 6.69 16.97
N LEU B 109 14.52 6.52 16.88
CA LEU B 109 15.40 7.18 15.89
C LEU B 109 15.56 8.68 16.10
N THR B 110 14.46 9.42 16.10
CA THR B 110 14.48 10.88 16.13
C THR B 110 15.46 11.48 17.12
N SER B 111 16.06 12.60 16.73
CA SER B 111 17.09 13.28 17.51
C SER B 111 16.47 14.03 18.69
N TYR B 112 15.20 14.41 18.56
CA TYR B 112 14.47 14.98 19.69
C TYR B 112 14.18 13.87 20.69
N LYS B 113 14.93 13.84 21.79
CA LYS B 113 14.77 12.77 22.78
C LYS B 113 13.37 12.68 23.39
N VAL B 114 12.61 13.77 23.36
CA VAL B 114 11.21 13.76 23.79
C VAL B 114 10.34 14.60 22.87
N ILE B 115 9.28 13.97 22.32
CA ILE B 115 8.28 14.66 21.50
C ILE B 115 6.88 14.50 22.11
N TYR B 116 5.96 15.35 21.71
CA TYR B 116 4.65 15.40 22.35
C TYR B 116 3.53 15.10 21.38
N VAL B 117 2.37 14.76 21.92
CA VAL B 117 1.18 14.49 21.12
C VAL B 117 0.46 15.78 20.79
N LEU B 118 0.17 16.00 19.52
CA LEU B 118 -0.50 17.21 19.10
C LEU B 118 -1.81 16.91 18.38
N PRO B 119 -2.71 17.89 18.29
CA PRO B 119 -3.98 17.61 17.65
C PRO B 119 -3.90 17.75 16.13
N LEU B 121 -7.10 17.94 13.12
CA LEU B 121 -8.56 18.00 13.14
C LEU B 121 -9.25 17.01 12.20
N THR B 122 -8.52 16.54 11.19
CA THR B 122 -9.06 15.63 10.19
C THR B 122 -8.14 14.46 9.98
N ILE B 123 -8.32 13.45 10.82
CA ILE B 123 -7.78 12.12 10.60
C ILE B 123 -8.99 11.28 10.30
N LYS B 124 -8.86 10.37 9.34
CA LYS B 124 -9.96 9.50 8.95
C LYS B 124 -9.77 8.10 9.54
N GLU B 125 -10.87 7.51 10.02
CA GLU B 125 -10.82 6.18 10.63
C GLU B 125 -10.86 5.08 9.58
N ASP B 126 -10.75 5.49 8.32
CA ASP B 126 -10.73 4.59 7.16
C ASP B 126 -9.43 3.75 7.09
N LYS B 127 -8.32 4.36 6.69
CA LYS B 127 -7.01 3.71 6.76
C LYS B 127 -6.37 4.02 8.13
N GLY B 128 -5.29 3.32 8.46
CA GLY B 128 -4.38 3.71 9.54
C GLY B 128 -4.74 3.31 10.95
N THR B 129 -3.90 3.72 11.90
CA THR B 129 -4.09 3.40 13.31
C THR B 129 -4.76 4.52 14.09
N GLY B 130 -5.06 5.63 13.43
CA GLY B 130 -5.66 6.77 14.10
C GLY B 130 -4.62 7.70 14.71
N VAL B 131 -3.50 7.14 15.15
CA VAL B 131 -2.36 7.93 15.61
C VAL B 131 -1.46 8.07 14.43
N VAL B 132 -1.21 9.31 14.00
CA VAL B 132 -0.41 9.56 12.80
C VAL B 132 1.00 10.10 13.09
N THR B 133 1.97 9.60 12.33
CA THR B 133 3.38 10.01 12.43
C THR B 133 3.60 11.45 11.96
N SER B 134 4.65 12.12 12.45
CA SER B 134 4.96 13.48 11.98
C SER B 134 6.46 13.79 11.71
N VAL B 135 6.82 13.75 10.43
CA VAL B 135 8.11 14.25 9.95
C VAL B 135 7.86 15.36 8.94
N PRO B 136 7.81 16.62 9.41
CA PRO B 136 7.44 17.76 8.59
C PRO B 136 8.55 18.22 7.65
N SER B 137 9.77 17.74 7.86
CA SER B 137 10.86 17.97 6.92
C SER B 137 10.54 17.42 5.55
N ASP B 138 9.87 16.26 5.53
CA ASP B 138 9.62 15.53 4.29
C ASP B 138 8.16 15.17 4.00
N SER B 139 7.24 15.42 4.94
CA SER B 139 5.80 15.20 4.68
C SER B 139 4.99 16.48 4.69
N PRO B 140 4.35 16.82 3.56
CA PRO B 140 3.70 18.12 3.38
C PRO B 140 2.44 18.35 4.24
N ASP B 141 1.79 17.28 4.67
CA ASP B 141 0.67 17.41 5.60
C ASP B 141 1.16 17.84 6.97
N ASP B 142 2.41 17.49 7.29
CA ASP B 142 2.91 17.68 8.64
C ASP B 142 3.35 19.13 8.89
N ILE B 143 4.10 19.74 7.96
CA ILE B 143 4.37 21.18 8.11
C ILE B 143 3.10 21.99 8.06
N ALA B 144 2.17 21.65 7.16
CA ALA B 144 0.89 22.35 7.09
C ALA B 144 0.23 22.39 8.46
N ALA B 145 0.11 21.21 9.07
CA ALA B 145 -0.44 21.05 10.44
C ALA B 145 0.39 21.78 11.46
N LEU B 146 1.58 21.27 11.74
CA LEU B 146 2.54 21.88 12.65
C LEU B 146 2.58 23.39 12.55
N ARG B 147 2.69 23.94 11.34
CA ARG B 147 2.67 25.39 11.14
C ARG B 147 1.40 26.01 11.68
N ASP B 148 0.27 25.36 11.40
CA ASP B 148 -1.04 25.88 11.83
C ASP B 148 -1.18 26.01 13.36
N LEU B 149 -0.45 25.19 14.12
CA LEU B 149 -0.41 25.35 15.57
C LEU B 149 0.47 26.55 15.97
N LYS B 150 1.71 26.54 15.49
CA LYS B 150 2.70 27.59 15.81
C LYS B 150 2.16 29.02 15.67
N LYS B 151 1.38 29.25 14.62
CA LYS B 151 0.86 30.57 14.31
C LYS B 151 -0.39 30.90 15.11
N LYS B 152 -1.25 29.90 15.30
CA LYS B 152 -2.50 30.06 16.04
C LYS B 152 -2.28 29.75 17.53
N GLN B 153 -1.66 30.71 18.22
CA GLN B 153 -1.27 30.54 19.62
C GLN B 153 -2.47 30.32 20.55
N ALA B 154 -3.56 31.02 20.28
CA ALA B 154 -4.78 30.89 21.09
C ALA B 154 -5.49 29.55 20.82
N LEU B 155 -5.56 29.19 19.54
CA LEU B 155 -6.34 28.01 19.13
C LEU B 155 -5.62 26.68 19.42
N ARG B 156 -4.34 26.75 19.80
CA ARG B 156 -3.63 25.60 20.38
C ARG B 156 -3.88 25.51 21.89
N ALA B 157 -4.16 26.67 22.50
CA ALA B 157 -4.57 26.75 23.90
C ALA B 157 -5.97 26.18 24.14
N LYS B 158 -6.66 25.79 23.06
CA LYS B 158 -7.95 25.10 23.15
C LYS B 158 -7.84 23.78 23.89
N TYR B 159 -6.80 23.02 23.56
CA TYR B 159 -6.56 21.72 24.20
C TYR B 159 -5.33 21.78 25.11
N GLY B 160 -5.09 22.96 25.71
CA GLY B 160 -4.06 23.12 26.72
C GLY B 160 -2.71 22.55 26.33
N ILE B 161 -1.99 23.28 25.48
CA ILE B 161 -0.69 22.84 24.97
C ILE B 161 0.37 23.94 25.13
N ARG B 162 1.47 23.60 25.79
CA ARG B 162 2.49 24.58 26.19
C ARG B 162 3.46 24.88 25.04
N ASP B 163 3.80 26.16 24.86
CA ASP B 163 4.75 26.58 23.82
C ASP B 163 5.93 25.62 23.77
N ASP B 164 6.50 25.38 24.94
CA ASP B 164 7.35 24.22 25.25
C ASP B 164 7.24 23.04 24.27
N VAL B 166 5.85 22.90 21.10
CA VAL B 166 5.65 23.21 19.67
C VAL B 166 6.71 24.16 19.11
N LEU B 167 6.69 25.40 19.58
CA LEU B 167 7.61 26.45 19.12
C LEU B 167 9.08 26.01 19.04
N PRO B 168 9.56 25.17 19.96
CA PRO B 168 10.97 24.78 19.83
C PRO B 168 11.26 23.66 18.84
N PHE B 169 10.22 23.08 18.23
CA PHE B 169 10.40 21.92 17.37
C PHE B 169 10.54 22.28 15.90
N GLU B 170 11.76 22.12 15.38
CA GLU B 170 12.08 22.45 14.00
C GLU B 170 12.20 21.19 13.16
N PRO B 171 11.69 21.22 11.91
CA PRO B 171 11.95 20.12 10.98
C PRO B 171 13.43 19.81 10.88
N VAL B 172 13.77 18.53 10.97
CA VAL B 172 15.15 18.10 10.93
C VAL B 172 15.43 17.54 9.55
N PRO B 173 16.41 18.12 8.82
CA PRO B 173 16.83 17.59 7.53
C PRO B 173 17.26 16.14 7.60
N VAL B 174 16.57 15.29 6.84
CA VAL B 174 16.84 13.84 6.81
C VAL B 174 17.29 13.37 5.44
N ILE B 175 16.68 13.91 4.39
CA ILE B 175 16.92 13.47 3.02
C ILE B 175 17.15 14.61 2.05
N GLU B 176 18.25 14.54 1.30
CA GLU B 176 18.52 15.49 0.21
C GLU B 176 17.93 14.95 -1.08
N ILE B 177 16.86 15.58 -1.55
CA ILE B 177 16.30 15.22 -2.84
C ILE B 177 16.59 16.35 -3.84
N PRO B 178 17.16 15.99 -5.01
CA PRO B 178 17.77 16.89 -6.00
C PRO B 178 17.08 18.24 -6.25
N GLY B 179 15.77 18.21 -6.45
CA GLY B 179 15.05 19.43 -6.84
C GLY B 179 14.86 20.42 -5.72
N PHE B 180 14.74 19.91 -4.49
CA PHE B 180 14.24 20.70 -3.36
C PHE B 180 15.10 20.67 -2.09
N GLY B 181 16.16 19.86 -2.09
CA GLY B 181 17.08 19.79 -0.97
C GLY B 181 16.55 19.09 0.29
N ASN B 182 16.73 19.77 1.43
CA ASN B 182 16.64 19.16 2.76
C ASN B 182 15.25 19.11 3.33
N LEU B 183 14.67 20.30 3.48
CA LEU B 183 13.31 20.46 3.94
C LEU B 183 12.49 20.55 2.66
N SER B 184 12.38 19.40 1.99
CA SER B 184 11.84 19.33 0.65
C SER B 184 10.33 19.40 0.71
N ALA B 185 9.76 18.88 1.79
CA ALA B 185 8.33 19.05 2.04
C ALA B 185 8.07 20.53 2.20
N VAL B 186 8.77 21.16 3.13
CA VAL B 186 8.62 22.59 3.38
C VAL B 186 8.68 23.43 2.09
N THR B 187 9.72 23.21 1.28
CA THR B 187 10.01 24.12 0.20
C THR B 187 9.04 24.02 -0.99
N ILE B 188 8.25 22.94 -1.08
CA ILE B 188 7.20 22.88 -2.13
C ILE B 188 5.90 23.52 -1.69
N CYS B 189 5.48 23.34 -0.44
CA CYS B 189 4.25 23.99 0.01
C CYS B 189 4.44 25.49 0.12
N ASP B 190 5.69 25.96 0.02
CA ASP B 190 5.96 27.38 -0.25
C ASP B 190 5.71 27.69 -1.72
N GLU B 191 6.27 26.87 -2.62
CA GLU B 191 6.04 27.03 -4.05
C GLU B 191 4.56 27.01 -4.38
N LEU B 192 3.84 26.05 -3.78
CA LEU B 192 2.41 25.89 -4.01
C LEU B 192 1.58 26.80 -3.13
N LYS B 193 2.24 27.48 -2.19
CA LYS B 193 1.63 28.54 -1.40
C LYS B 193 0.41 28.02 -0.61
N ILE B 194 0.67 27.09 0.30
CA ILE B 194 -0.38 26.48 1.11
C ILE B 194 -0.44 27.19 2.45
N GLN B 195 -1.66 27.45 2.93
CA GLN B 195 -1.87 28.16 4.19
C GLN B 195 -2.28 27.22 5.33
N SER B 196 -3.31 26.41 5.10
CA SER B 196 -3.83 25.54 6.14
C SER B 196 -3.63 24.05 5.83
N GLN B 197 -4.02 23.23 6.81
CA GLN B 197 -4.17 21.79 6.62
C GLN B 197 -5.26 21.53 5.58
N ASN B 198 -6.23 22.44 5.53
CA ASN B 198 -7.42 22.26 4.72
C ASN B 198 -7.28 22.78 3.29
N ASP B 199 -6.07 22.73 2.74
CA ASP B 199 -5.84 22.97 1.32
C ASP B 199 -5.59 21.61 0.68
N ARG B 200 -6.55 20.71 0.84
CA ARG B 200 -6.37 19.30 0.56
C ARG B 200 -5.88 18.98 -0.84
N GLU B 201 -6.42 19.67 -1.84
CA GLU B 201 -6.05 19.39 -3.22
C GLU B 201 -4.74 20.06 -3.64
N LYS B 202 -4.34 21.13 -2.95
CA LYS B 202 -3.00 21.69 -3.12
C LYS B 202 -1.93 20.78 -2.52
N LEU B 203 -2.25 20.22 -1.34
CA LEU B 203 -1.42 19.22 -0.69
C LEU B 203 -1.26 17.96 -1.55
N ALA B 204 -2.38 17.49 -2.10
CA ALA B 204 -2.37 16.35 -3.01
C ALA B 204 -1.28 16.51 -4.07
N GLU B 205 -1.26 17.68 -4.72
CA GLU B 205 -0.30 17.98 -5.79
C GLU B 205 1.12 18.06 -5.25
N ALA B 206 1.25 18.48 -4.00
CA ALA B 206 2.54 18.46 -3.33
C ALA B 206 3.01 17.02 -3.27
N LYS B 207 2.25 16.21 -2.55
CA LYS B 207 2.57 14.80 -2.35
C LYS B 207 2.97 14.12 -3.66
N GLU B 208 2.24 14.47 -4.74
CA GLU B 208 2.53 13.99 -6.09
C GLU B 208 4.00 14.09 -6.42
N LYS B 209 4.57 15.27 -6.20
CA LYS B 209 5.93 15.54 -6.61
C LYS B 209 6.92 14.82 -5.74
N ILE B 210 6.90 15.14 -4.45
CA ILE B 210 8.03 14.83 -3.57
C ILE B 210 8.08 13.40 -3.04
N TYR B 211 6.97 12.68 -3.05
CA TYR B 211 6.97 11.33 -2.47
C TYR B 211 7.80 10.34 -3.30
N LEU B 212 7.52 10.25 -4.59
CA LEU B 212 8.26 9.32 -5.45
C LEU B 212 9.68 9.79 -5.71
N LYS B 213 9.83 11.08 -5.98
CA LYS B 213 11.16 11.64 -6.26
C LYS B 213 12.06 11.45 -5.04
N GLY B 214 11.52 11.68 -3.86
CA GLY B 214 12.24 11.44 -2.62
C GLY B 214 12.67 10.00 -2.47
N PHE B 215 11.79 9.08 -2.83
CA PHE B 215 12.10 7.67 -2.69
C PHE B 215 13.15 7.23 -3.71
N TYR B 216 12.90 7.55 -4.97
CA TYR B 216 13.77 7.08 -6.05
C TYR B 216 15.03 7.91 -6.21
N GLU B 217 14.94 9.22 -5.97
CA GLU B 217 16.07 10.11 -6.15
C GLU B 217 16.62 10.67 -4.85
N GLY B 218 16.11 10.22 -3.71
CA GLY B 218 16.56 10.74 -2.42
C GLY B 218 17.93 10.26 -1.98
N ILE B 219 18.56 11.05 -1.10
CA ILE B 219 19.90 10.75 -0.58
C ILE B 219 20.01 11.11 0.92
N LEU B 221 20.96 11.91 4.80
CA LEU B 221 21.78 12.89 5.50
C LEU B 221 22.17 12.46 6.92
N VAL B 222 21.53 11.45 7.47
CA VAL B 222 21.74 11.08 8.87
C VAL B 222 22.99 10.20 9.07
N ASP B 223 23.59 10.34 10.25
CA ASP B 223 24.76 9.56 10.63
C ASP B 223 24.48 8.05 10.60
N GLY B 224 25.52 7.28 10.31
CA GLY B 224 25.39 5.83 10.14
C GLY B 224 25.25 5.46 8.69
N PHE B 225 24.71 6.37 7.88
CA PHE B 225 24.50 6.14 6.45
C PHE B 225 24.22 7.46 5.73
N LYS B 226 25.26 8.28 5.60
CA LYS B 226 25.18 9.45 4.74
C LYS B 226 25.52 9.03 3.32
N GLY B 227 24.95 9.73 2.34
CA GLY B 227 25.19 9.43 0.92
C GLY B 227 24.64 8.09 0.45
N GLN B 228 23.54 7.66 1.05
CA GLN B 228 22.97 6.34 0.74
C GLN B 228 21.62 6.56 0.08
N LYS B 229 21.30 5.72 -0.90
CA LYS B 229 20.01 5.80 -1.57
C LYS B 229 18.89 5.42 -0.62
N VAL B 230 17.89 6.29 -0.49
CA VAL B 230 16.69 5.99 0.30
C VAL B 230 16.18 4.59 0.02
N GLN B 231 15.97 4.35 -1.27
CA GLN B 231 15.63 3.06 -1.83
C GLN B 231 16.40 1.91 -1.16
N ASP B 232 17.72 1.89 -1.35
CA ASP B 232 18.57 0.80 -0.84
C ASP B 232 18.58 0.68 0.69
N VAL B 233 18.30 1.78 1.38
CA VAL B 233 18.47 1.85 2.83
C VAL B 233 17.21 1.49 3.60
N LYS B 234 16.05 1.94 3.12
CA LYS B 234 14.77 1.76 3.82
C LYS B 234 14.60 0.44 4.58
N LYS B 235 14.77 -0.68 3.88
CA LYS B 235 14.53 -2.00 4.48
C LYS B 235 15.45 -2.29 5.67
N THR B 236 16.66 -1.75 5.63
CA THR B 236 17.64 -2.00 6.68
C THR B 236 17.40 -1.09 7.89
N ILE B 237 16.70 0.02 7.68
CA ILE B 237 16.23 0.88 8.78
C ILE B 237 14.98 0.32 9.45
N GLN B 238 14.12 -0.29 8.64
CA GLN B 238 13.00 -1.02 9.16
C GLN B 238 13.49 -2.11 10.11
N LYS B 239 14.51 -2.87 9.70
CA LYS B 239 14.96 -3.96 10.55
C LYS B 239 15.65 -3.50 11.83
N LYS B 240 16.25 -2.32 11.84
CA LYS B 240 16.79 -1.81 13.10
C LYS B 240 15.68 -1.65 14.10
N ILE B 242 12.77 -2.87 14.33
CA ILE B 242 12.18 -4.15 14.74
C ILE B 242 13.11 -4.90 15.66
N ASP B 243 14.36 -5.06 15.24
CA ASP B 243 15.32 -5.79 16.05
C ASP B 243 15.59 -5.11 17.39
N ALA B 244 15.43 -3.80 17.44
CA ALA B 244 15.58 -3.01 18.68
C ALA B 244 14.26 -2.89 19.44
N GLY B 245 13.27 -3.68 19.05
CA GLY B 245 11.97 -3.71 19.73
C GLY B 245 11.18 -2.42 19.68
N ASP B 246 11.44 -1.59 18.67
CA ASP B 246 10.82 -0.27 18.55
C ASP B 246 9.72 -0.16 17.50
N ALA B 247 9.62 -1.14 16.59
CA ALA B 247 8.57 -1.16 15.58
C ALA B 247 8.22 -2.57 15.17
N LEU B 248 7.05 -2.70 14.56
CA LEU B 248 6.54 -4.00 14.14
C LEU B 248 6.05 -3.95 12.70
N ILE B 249 5.98 -5.10 12.04
CA ILE B 249 5.36 -5.20 10.72
C ILE B 249 3.85 -5.25 10.92
N TYR B 250 3.15 -4.33 10.27
CA TYR B 250 1.71 -4.24 10.39
C TYR B 250 1.10 -4.35 9.00
N GLU B 252 -2.16 -4.13 6.53
CA GLU B 252 -3.48 -3.52 6.37
C GLU B 252 -3.82 -3.39 4.89
#